data_4C24
#
_entry.id   4C24
#
_cell.length_a   112.970
_cell.length_b   112.970
_cell.length_c   40.905
_cell.angle_alpha   90.00
_cell.angle_beta   90.00
_cell.angle_gamma   90.00
#
_symmetry.space_group_name_H-M   'I 4'
#
loop_
_entity.id
_entity.type
_entity.pdbx_description
1 polymer 'L-FUCULOSE PHOSPHATE ALDOLASE'
2 non-polymer 'ZINC ION'
3 non-polymer 'NICKEL (II) ION'
4 non-polymer 'SULFATE ION'
5 non-polymer 1,2-ETHANEDIOL
6 non-polymer GLYCEROL
7 water water
#
_entity_poly.entity_id   1
_entity_poly.type   'polypeptide(L)'
_entity_poly.pdbx_seq_one_letter_code
;GSHMASSDVKQELIKYGKKLVETDLTKGTGGNLSVFDREKQLMAITPSGIDFFEIKESDIVVMDINGNVVEGERLPSSEW
YMHLIQYQTRDDIDAIIHAHTTYATVLACLREPLPASHYMIAVAGKDVRVAEYATYGTKELAVNAAKAMEGRRAVLLANH
GILAGAQNLLNAFNIVEEVEYCAKIYCLAKNFGEPVVLPDEEMELMAEKFKTYGQRK
;
_entity_poly.pdbx_strand_id   A
#
# COMPACT_ATOMS: atom_id res chain seq x y z
N GLY A 1 24.33 -3.98 -16.71
CA GLY A 1 23.95 -5.41 -16.94
C GLY A 1 23.70 -6.10 -15.62
N SER A 2 23.68 -5.30 -14.56
CA SER A 2 23.43 -5.75 -13.21
C SER A 2 23.09 -4.49 -12.39
N HIS A 3 22.99 -3.36 -13.08
CA HIS A 3 22.88 -2.05 -12.40
C HIS A 3 21.46 -1.65 -12.17
N MET A 4 20.53 -2.34 -12.80
CA MET A 4 19.10 -2.03 -12.75
C MET A 4 18.30 -3.06 -11.94
N ALA A 5 17.01 -2.80 -11.80
CA ALA A 5 16.14 -3.69 -11.02
C ALA A 5 16.05 -5.05 -11.70
N SER A 6 16.11 -6.11 -10.92
CA SER A 6 16.17 -7.47 -11.47
C SER A 6 14.87 -7.90 -12.16
N SER A 7 14.99 -8.88 -13.06
CA SER A 7 13.82 -9.56 -13.61
C SER A 7 12.94 -10.12 -12.51
N ASP A 8 13.55 -10.70 -11.48
CA ASP A 8 12.81 -11.28 -10.37
C ASP A 8 11.81 -10.26 -9.81
N VAL A 9 12.28 -9.06 -9.47
CA VAL A 9 11.39 -8.04 -8.89
CA VAL A 9 11.43 -7.98 -8.92
C VAL A 9 10.26 -7.63 -9.85
N LYS A 10 10.55 -7.48 -11.13
CA LYS A 10 9.53 -7.12 -12.11
C LYS A 10 8.42 -8.16 -12.22
N GLN A 11 8.82 -9.43 -12.28
CA GLN A 11 7.88 -10.52 -12.36
C GLN A 11 7.01 -10.57 -11.12
N GLU A 12 7.63 -10.28 -9.97
CA GLU A 12 6.92 -10.30 -8.71
C GLU A 12 5.86 -9.20 -8.65
N LEU A 13 6.17 -8.00 -9.15
CA LEU A 13 5.14 -6.95 -9.24
C LEU A 13 3.94 -7.41 -10.05
N ILE A 14 4.21 -8.08 -11.16
CA ILE A 14 3.15 -8.61 -12.02
CA ILE A 14 3.14 -8.59 -12.01
C ILE A 14 2.31 -9.66 -11.28
N LYS A 15 2.99 -10.57 -10.59
CA LYS A 15 2.33 -11.62 -9.82
C LYS A 15 1.36 -11.02 -8.81
N TYR A 16 1.83 -10.06 -8.01
CA TYR A 16 0.97 -9.48 -6.95
C TYR A 16 -0.13 -8.59 -7.47
N GLY A 17 0.11 -7.91 -8.59
CA GLY A 17 -0.92 -7.21 -9.36
C GLY A 17 -2.07 -8.14 -9.67
N LYS A 18 -1.74 -9.28 -10.27
CA LYS A 18 -2.73 -10.28 -10.55
C LYS A 18 -3.43 -10.78 -9.29
N LYS A 19 -2.67 -11.04 -8.22
CA LYS A 19 -3.25 -11.55 -6.96
C LYS A 19 -4.29 -10.59 -6.41
N LEU A 20 -4.05 -9.30 -6.54
CA LEU A 20 -5.04 -8.32 -6.07
C LEU A 20 -6.39 -8.51 -6.78
N VAL A 21 -6.39 -8.80 -8.09
CA VAL A 21 -7.64 -9.02 -8.83
C VAL A 21 -8.19 -10.42 -8.56
N GLU A 22 -7.31 -11.42 -8.53
CA GLU A 22 -7.74 -12.81 -8.37
C GLU A 22 -8.50 -13.00 -7.05
N THR A 23 -8.03 -12.32 -6.00
CA THR A 23 -8.66 -12.44 -4.68
C THR A 23 -9.76 -11.40 -4.48
N ASP A 24 -10.07 -10.65 -5.52
CA ASP A 24 -11.12 -9.64 -5.51
C ASP A 24 -10.93 -8.53 -4.48
N LEU A 25 -9.68 -8.26 -4.13
CA LEU A 25 -9.41 -7.06 -3.33
C LEU A 25 -9.68 -5.79 -4.14
N THR A 26 -9.33 -5.81 -5.43
CA THR A 26 -9.61 -4.66 -6.30
C THR A 26 -9.77 -5.15 -7.74
N LYS A 27 -10.36 -4.32 -8.58
CA LYS A 27 -10.39 -4.58 -10.02
C LYS A 27 -9.07 -4.14 -10.69
N GLY A 28 -8.26 -3.36 -9.96
CA GLY A 28 -7.00 -2.85 -10.47
C GLY A 28 -6.94 -1.37 -10.80
N THR A 29 -8.10 -0.79 -11.13
CA THR A 29 -8.12 0.61 -11.57
C THR A 29 -7.64 1.52 -10.44
N GLY A 30 -6.71 2.41 -10.78
CA GLY A 30 -6.13 3.33 -9.83
C GLY A 30 -5.20 2.69 -8.82
N GLY A 31 -5.01 1.37 -8.93
CA GLY A 31 -4.14 0.61 -8.01
C GLY A 31 -2.74 0.49 -8.57
N ASN A 32 -1.78 0.28 -7.69
CA ASN A 32 -0.36 0.26 -8.14
C ASN A 32 0.51 -0.43 -7.12
N LEU A 33 1.64 -0.97 -7.58
CA LEU A 33 2.55 -1.67 -6.72
C LEU A 33 3.95 -1.21 -7.04
N SER A 34 4.80 -1.23 -6.03
CA SER A 34 6.19 -0.92 -6.22
C SER A 34 7.07 -1.70 -5.25
N VAL A 35 8.35 -1.80 -5.65
CA VAL A 35 9.38 -2.29 -4.76
CA VAL A 35 9.39 -2.33 -4.81
C VAL A 35 10.57 -1.34 -4.85
N PHE A 36 11.29 -1.24 -3.74
CA PHE A 36 12.49 -0.43 -3.69
C PHE A 36 13.69 -1.32 -3.37
N ASP A 37 14.72 -1.23 -4.21
CA ASP A 37 15.96 -1.95 -4.00
C ASP A 37 16.87 -0.99 -3.26
N ARG A 38 17.18 -1.29 -2.00
CA ARG A 38 18.00 -0.39 -1.16
C ARG A 38 19.47 -0.30 -1.54
N GLU A 39 20.01 -1.38 -2.10
CA GLU A 39 21.42 -1.40 -2.48
C GLU A 39 21.58 -0.52 -3.72
N LYS A 40 20.65 -0.68 -4.65
CA LYS A 40 20.69 0.08 -5.92
C LYS A 40 20.03 1.45 -5.82
N GLN A 41 19.19 1.64 -4.80
CA GLN A 41 18.39 2.86 -4.63
C GLN A 41 17.51 3.12 -5.86
N LEU A 42 16.81 2.09 -6.30
CA LEU A 42 15.93 2.17 -7.45
C LEU A 42 14.56 1.69 -7.03
N MET A 43 13.52 2.40 -7.49
CA MET A 43 12.16 1.91 -7.36
C MET A 43 11.67 1.30 -8.68
N ALA A 44 11.08 0.10 -8.60
CA ALA A 44 10.37 -0.45 -9.73
C ALA A 44 8.87 -0.34 -9.44
N ILE A 45 8.13 0.17 -10.40
CA ILE A 45 6.71 0.44 -10.17
C ILE A 45 5.87 0.03 -11.37
N THR A 46 4.62 -0.33 -11.14
CA THR A 46 3.69 -0.62 -12.23
C THR A 46 3.40 0.60 -13.09
N PRO A 47 3.02 0.39 -14.36
CA PRO A 47 2.79 1.50 -15.27
C PRO A 47 1.38 2.06 -15.12
N SER A 48 1.16 3.26 -15.66
CA SER A 48 -0.17 3.90 -15.56
C SER A 48 -1.14 3.28 -16.56
N GLY A 49 -2.38 3.08 -16.12
CA GLY A 49 -3.49 2.79 -17.02
C GLY A 49 -3.33 1.56 -17.88
N ILE A 50 -2.66 0.53 -17.34
CA ILE A 50 -2.64 -0.77 -17.99
C ILE A 50 -3.27 -1.78 -17.03
N ASP A 51 -4.29 -2.48 -17.52
CA ASP A 51 -4.94 -3.59 -16.82
C ASP A 51 -3.89 -4.54 -16.23
N PHE A 52 -4.06 -4.93 -14.97
CA PHE A 52 -3.09 -5.78 -14.29
C PHE A 52 -2.79 -7.08 -15.04
N PHE A 53 -3.78 -7.58 -15.77
CA PHE A 53 -3.62 -8.83 -16.49
C PHE A 53 -2.94 -8.67 -17.84
N GLU A 54 -2.62 -7.43 -18.19
CA GLU A 54 -1.95 -7.12 -19.45
C GLU A 54 -0.56 -6.51 -19.25
N ILE A 55 -0.11 -6.41 -18.00
CA ILE A 55 1.22 -5.85 -17.72
C ILE A 55 2.34 -6.84 -18.02
N LYS A 56 3.28 -6.42 -18.88
CA LYS A 56 4.48 -7.19 -19.18
C LYS A 56 5.66 -6.61 -18.41
N GLU A 57 6.71 -7.42 -18.26
CA GLU A 57 7.94 -6.97 -17.63
CA GLU A 57 7.94 -6.97 -17.63
C GLU A 57 8.43 -5.64 -18.22
N SER A 58 8.33 -5.49 -19.55
CA SER A 58 8.78 -4.29 -20.22
C SER A 58 7.93 -3.06 -19.91
N ASP A 59 6.74 -3.26 -19.33
CA ASP A 59 5.87 -2.13 -18.94
C ASP A 59 6.22 -1.59 -17.56
N ILE A 60 6.95 -2.38 -16.77
CA ILE A 60 7.42 -1.92 -15.43
C ILE A 60 8.38 -0.78 -15.62
N VAL A 61 8.21 0.25 -14.80
CA VAL A 61 9.03 1.43 -14.88
C VAL A 61 9.98 1.44 -13.70
N VAL A 62 11.24 1.78 -13.98
CA VAL A 62 12.25 1.79 -12.92
C VAL A 62 12.73 3.23 -12.80
N MET A 63 12.79 3.71 -11.57
CA MET A 63 13.11 5.09 -11.29
CA MET A 63 13.15 5.10 -11.35
C MET A 63 14.19 5.19 -10.25
N ASP A 64 14.99 6.24 -10.30
CA ASP A 64 15.94 6.51 -9.23
C ASP A 64 15.25 7.27 -8.07
N ILE A 65 16.00 7.53 -7.02
CA ILE A 65 15.41 8.04 -5.75
C ILE A 65 14.81 9.42 -5.94
N ASN A 66 15.21 10.14 -6.99
CA ASN A 66 14.64 11.46 -7.30
C ASN A 66 13.55 11.43 -8.38
N GLY A 67 13.13 10.24 -8.76
CA GLY A 67 12.05 10.09 -9.72
C GLY A 67 12.44 10.19 -11.17
N ASN A 68 13.73 10.03 -11.46
CA ASN A 68 14.17 10.01 -12.85
C ASN A 68 14.04 8.59 -13.36
N VAL A 69 13.30 8.46 -14.44
CA VAL A 69 13.07 7.15 -15.06
C VAL A 69 14.37 6.67 -15.70
N VAL A 70 14.76 5.46 -15.36
CA VAL A 70 15.99 4.86 -15.90
C VAL A 70 15.71 3.59 -16.71
N GLU A 71 14.56 2.95 -16.53
CA GLU A 71 14.14 1.85 -17.41
C GLU A 71 12.65 1.91 -17.67
N GLY A 72 12.23 1.57 -18.89
CA GLY A 72 10.82 1.49 -19.25
C GLY A 72 10.34 2.65 -20.08
N GLU A 73 9.55 2.38 -21.11
CA GLU A 73 9.04 3.41 -22.00
C GLU A 73 7.65 3.83 -21.62
N ARG A 74 7.00 3.04 -20.76
CA ARG A 74 5.65 3.36 -20.30
C ARG A 74 5.72 4.48 -19.29
N LEU A 75 4.65 5.25 -19.22
CA LEU A 75 4.48 6.20 -18.12
C LEU A 75 4.28 5.41 -16.84
N PRO A 76 4.99 5.82 -15.77
CA PRO A 76 4.80 5.16 -14.49
C PRO A 76 3.42 5.47 -13.93
N SER A 77 2.98 4.62 -13.02
CA SER A 77 1.75 4.86 -12.24
C SER A 77 1.63 6.34 -11.90
N SER A 78 0.42 6.89 -12.00
CA SER A 78 0.21 8.30 -11.61
C SER A 78 0.58 8.51 -10.14
N GLU A 79 0.62 7.45 -9.35
CA GLU A 79 0.92 7.57 -7.90
C GLU A 79 2.39 7.33 -7.54
N TRP A 80 3.26 7.37 -8.56
CA TRP A 80 4.65 7.05 -8.33
C TRP A 80 5.31 7.84 -7.24
N TYR A 81 4.91 9.11 -7.06
CA TYR A 81 5.53 9.91 -6.02
C TYR A 81 5.00 9.59 -4.63
N MET A 82 3.74 9.14 -4.57
CA MET A 82 3.22 8.64 -3.29
C MET A 82 4.02 7.43 -2.82
N HIS A 83 4.44 6.57 -3.75
CA HIS A 83 5.30 5.46 -3.35
C HIS A 83 6.71 5.92 -3.03
N LEU A 84 7.29 6.70 -3.94
CA LEU A 84 8.67 7.11 -3.81
C LEU A 84 8.96 7.87 -2.51
N ILE A 85 8.05 8.77 -2.11
CA ILE A 85 8.30 9.56 -0.90
C ILE A 85 8.34 8.67 0.36
N GLN A 86 7.62 7.55 0.35
CA GLN A 86 7.74 6.61 1.42
C GLN A 86 9.15 6.05 1.48
N TYR A 87 9.66 5.60 0.32
CA TYR A 87 10.99 5.03 0.35
C TYR A 87 12.07 6.05 0.73
N GLN A 88 11.85 7.31 0.39
CA GLN A 88 12.74 8.41 0.75
C GLN A 88 12.78 8.69 2.23
N THR A 89 11.69 8.37 2.93
CA THR A 89 11.54 8.85 4.31
C THR A 89 11.51 7.72 5.35
N ARG A 90 11.42 6.47 4.88
CA ARG A 90 11.31 5.30 5.73
C ARG A 90 12.25 4.22 5.26
N ASP A 91 13.06 3.73 6.18
CA ASP A 91 14.00 2.64 5.89
CA ASP A 91 14.02 2.64 6.03
C ASP A 91 13.39 1.25 6.11
N ASP A 92 12.21 1.21 6.71
CA ASP A 92 11.55 -0.05 7.08
C ASP A 92 10.55 -0.59 6.06
N ILE A 93 10.44 0.09 4.92
CA ILE A 93 9.45 -0.23 3.90
C ILE A 93 10.19 -0.45 2.59
N ASP A 94 10.11 -1.65 2.02
CA ASP A 94 10.75 -1.92 0.73
C ASP A 94 9.76 -2.32 -0.37
N ALA A 95 8.48 -2.38 -0.05
CA ALA A 95 7.47 -2.70 -1.03
C ALA A 95 6.18 -2.03 -0.62
N ILE A 96 5.42 -1.55 -1.59
CA ILE A 96 4.20 -0.78 -1.32
C ILE A 96 3.11 -1.20 -2.28
N ILE A 97 1.90 -1.33 -1.75
CA ILE A 97 0.76 -1.58 -2.57
C ILE A 97 -0.28 -0.51 -2.31
N HIS A 98 -0.81 0.07 -3.38
CA HIS A 98 -1.96 0.97 -3.28
C HIS A 98 -3.13 0.31 -3.99
N ALA A 99 -4.29 0.32 -3.33
CA ALA A 99 -5.45 -0.32 -3.88
C ALA A 99 -6.70 0.46 -3.55
N HIS A 100 -7.74 0.32 -4.37
CA HIS A 100 -9.06 0.84 -4.06
C HIS A 100 -9.88 -0.36 -3.64
N THR A 101 -9.80 -0.70 -2.36
CA THR A 101 -10.53 -1.86 -1.87
C THR A 101 -11.97 -1.47 -1.49
N THR A 102 -12.67 -2.34 -0.79
CA THR A 102 -14.06 -2.00 -0.45
C THR A 102 -14.21 -1.25 0.87
N TYR A 103 -14.15 -1.97 1.98
CA TYR A 103 -14.48 -1.33 3.28
C TYR A 103 -13.43 -0.37 3.75
N ALA A 104 -12.17 -0.59 3.44
CA ALA A 104 -11.13 0.38 3.73
C ALA A 104 -11.44 1.70 3.02
N THR A 105 -11.96 1.62 1.80
CA THR A 105 -12.29 2.82 1.05
C THR A 105 -13.56 3.45 1.60
N VAL A 106 -14.51 2.63 2.05
CA VAL A 106 -15.68 3.18 2.81
C VAL A 106 -15.21 4.08 3.95
N LEU A 107 -14.33 3.54 4.77
CA LEU A 107 -13.79 4.35 5.88
C LEU A 107 -13.11 5.61 5.34
N ALA A 108 -12.35 5.48 4.26
CA ALA A 108 -11.66 6.62 3.67
C ALA A 108 -12.65 7.68 3.19
N CYS A 109 -13.80 7.27 2.67
CA CYS A 109 -14.78 8.23 2.16
C CYS A 109 -15.56 8.91 3.26
N LEU A 110 -15.62 8.25 4.42
CA LEU A 110 -16.17 8.87 5.65
C LEU A 110 -15.09 9.71 6.31
N ARG A 111 -13.85 9.55 5.87
CA ARG A 111 -12.69 10.11 6.56
C ARG A 111 -12.64 9.68 8.04
N GLU A 112 -12.89 8.38 8.26
CA GLU A 112 -12.93 7.75 9.57
C GLU A 112 -11.78 6.79 9.70
N PRO A 113 -11.03 6.87 10.80
CA PRO A 113 -9.93 5.95 11.02
C PRO A 113 -10.40 4.53 11.38
N LEU A 114 -9.49 3.58 11.28
CA LEU A 114 -9.80 2.21 11.65
C LEU A 114 -9.13 1.83 12.97
N PRO A 115 -9.94 1.57 14.01
CA PRO A 115 -9.37 1.17 15.28
C PRO A 115 -9.26 -0.34 15.46
N ALA A 116 -8.74 -0.76 16.61
CA ALA A 116 -8.48 -2.16 16.92
C ALA A 116 -9.73 -2.93 17.39
N SER A 117 -10.77 -2.95 16.57
CA SER A 117 -11.91 -3.82 16.85
C SER A 117 -11.57 -5.28 16.63
N HIS A 118 -10.59 -5.54 15.74
CA HIS A 118 -10.04 -6.86 15.58
C HIS A 118 -8.55 -6.81 15.80
N TYR A 119 -8.00 -7.79 16.52
CA TYR A 119 -6.58 -7.76 16.87
C TYR A 119 -5.62 -7.82 15.68
N MET A 120 -6.09 -8.33 14.55
CA MET A 120 -5.21 -8.50 13.38
C MET A 120 -4.74 -7.19 12.77
N ILE A 121 -5.34 -6.07 13.16
CA ILE A 121 -4.90 -4.79 12.66
CA ILE A 121 -4.90 -4.79 12.66
C ILE A 121 -3.45 -4.53 13.05
N ALA A 122 -2.95 -5.23 14.07
CA ALA A 122 -1.55 -5.09 14.48
C ALA A 122 -0.51 -5.35 13.39
N VAL A 123 -0.93 -5.98 12.29
CA VAL A 123 -0.02 -6.03 11.14
C VAL A 123 0.32 -4.63 10.59
N ALA A 124 -0.57 -3.66 10.81
CA ALA A 124 -0.32 -2.30 10.39
C ALA A 124 0.02 -1.36 11.55
N GLY A 125 -0.56 -1.60 12.72
CA GLY A 125 -0.36 -0.73 13.90
C GLY A 125 -1.55 -0.83 14.82
N LYS A 126 -1.62 0.02 15.83
CA LYS A 126 -2.80 -0.06 16.75
C LYS A 126 -4.09 0.43 16.08
N ASP A 127 -3.91 1.26 15.06
CA ASP A 127 -5.01 1.75 14.25
C ASP A 127 -4.46 2.15 12.91
N VAL A 128 -5.35 2.45 11.97
CA VAL A 128 -4.96 2.99 10.67
C VAL A 128 -5.61 4.36 10.50
N ARG A 129 -4.78 5.36 10.26
CA ARG A 129 -5.24 6.74 10.16
C ARG A 129 -5.76 7.04 8.77
N VAL A 130 -6.45 8.17 8.65
CA VAL A 130 -6.86 8.67 7.36
CA VAL A 130 -6.87 8.71 7.36
C VAL A 130 -6.05 9.93 7.00
N ALA A 131 -5.41 9.89 5.84
CA ALA A 131 -4.66 11.04 5.37
C ALA A 131 -5.58 12.18 4.97
N GLU A 132 -5.05 13.40 5.02
CA GLU A 132 -5.77 14.55 4.49
C GLU A 132 -6.03 14.33 2.99
N TYR A 133 -7.21 14.72 2.54
CA TYR A 133 -7.54 14.63 1.12
C TYR A 133 -6.62 15.45 0.23
N ALA A 134 -6.20 14.84 -0.88
CA ALA A 134 -5.60 15.61 -1.95
C ALA A 134 -5.86 14.84 -3.24
N THR A 135 -5.84 15.56 -4.35
CA THR A 135 -6.14 14.99 -5.67
C THR A 135 -5.19 13.83 -5.98
N TYR A 136 -5.75 12.78 -6.58
CA TYR A 136 -4.92 11.64 -6.94
C TYR A 136 -3.74 12.12 -7.77
N GLY A 137 -2.61 11.44 -7.57
CA GLY A 137 -1.43 11.65 -8.40
C GLY A 137 -0.67 12.93 -8.13
N THR A 138 -0.99 13.62 -7.03
CA THR A 138 -0.32 14.88 -6.74
C THR A 138 0.73 14.77 -5.63
N LYS A 139 1.62 15.76 -5.56
CA LYS A 139 2.59 15.85 -4.46
C LYS A 139 1.90 15.98 -3.11
N GLU A 140 0.80 16.72 -3.09
CA GLU A 140 0.05 16.91 -1.85
C GLU A 140 -0.42 15.56 -1.32
N LEU A 141 -0.96 14.69 -2.19
CA LEU A 141 -1.40 13.37 -1.76
C LEU A 141 -0.21 12.56 -1.24
N ALA A 142 0.91 12.63 -1.97
CA ALA A 142 2.10 11.91 -1.53
C ALA A 142 2.55 12.32 -0.13
N VAL A 143 2.61 13.64 0.09
CA VAL A 143 3.00 14.14 1.40
C VAL A 143 1.99 13.79 2.50
N ASN A 144 0.71 13.94 2.20
CA ASN A 144 -0.37 13.65 3.15
C ASN A 144 -0.33 12.19 3.58
N ALA A 145 -0.08 11.30 2.61
CA ALA A 145 0.01 9.88 2.87
C ALA A 145 1.25 9.52 3.70
N ALA A 146 2.39 10.12 3.36
CA ALA A 146 3.62 9.91 4.13
C ALA A 146 3.39 10.26 5.59
N LYS A 147 2.84 11.43 5.82
CA LYS A 147 2.64 11.90 7.18
C LYS A 147 1.67 11.03 7.98
N ALA A 148 0.54 10.69 7.37
CA ALA A 148 -0.48 9.90 8.07
C ALA A 148 -0.12 8.42 8.20
N MET A 149 0.89 7.96 7.44
CA MET A 149 1.37 6.60 7.62
C MET A 149 2.54 6.49 8.60
N GLU A 150 3.03 7.63 9.09
CA GLU A 150 4.12 7.59 10.06
C GLU A 150 3.79 6.67 11.22
N GLY A 151 4.70 5.78 11.57
CA GLY A 151 4.48 4.87 12.68
C GLY A 151 3.52 3.73 12.40
N ARG A 152 3.14 3.59 11.12
CA ARG A 152 2.19 2.56 10.69
C ARG A 152 2.69 1.94 9.41
N ARG A 153 2.08 0.82 9.08
CA ARG A 153 2.35 0.15 7.80
C ARG A 153 1.18 0.24 6.82
N ALA A 154 0.13 1.00 7.17
CA ALA A 154 -0.94 1.25 6.24
C ALA A 154 -1.56 2.59 6.57
N VAL A 155 -2.22 3.16 5.58
CA VAL A 155 -2.91 4.44 5.74
C VAL A 155 -4.09 4.49 4.78
N LEU A 156 -5.23 5.05 5.21
CA LEU A 156 -6.34 5.31 4.32
C LEU A 156 -6.17 6.66 3.62
N LEU A 157 -6.51 6.70 2.34
CA LEU A 157 -6.41 7.91 1.54
C LEU A 157 -7.84 8.41 1.34
N ALA A 158 -8.09 9.61 1.87
CA ALA A 158 -9.44 10.14 1.90
C ALA A 158 -10.15 10.10 0.54
N ASN A 159 -11.35 9.50 0.50
CA ASN A 159 -12.16 9.49 -0.71
C ASN A 159 -11.47 8.76 -1.85
N HIS A 160 -10.63 7.80 -1.48
CA HIS A 160 -9.72 7.23 -2.48
C HIS A 160 -9.44 5.75 -2.27
N GLY A 161 -8.73 5.40 -1.21
CA GLY A 161 -8.35 4.00 -1.02
C GLY A 161 -7.38 3.78 0.08
N ILE A 162 -6.45 2.86 -0.11
CA ILE A 162 -5.54 2.45 0.92
C ILE A 162 -4.13 2.40 0.33
N LEU A 163 -3.16 2.63 1.19
CA LEU A 163 -1.76 2.45 0.90
C LEU A 163 -1.16 1.60 2.01
N ALA A 164 -0.40 0.57 1.64
CA ALA A 164 0.28 -0.25 2.64
C ALA A 164 1.72 -0.50 2.22
N GLY A 165 2.59 -0.68 3.21
CA GLY A 165 3.99 -0.96 2.94
C GLY A 165 4.55 -2.00 3.87
N ALA A 166 5.55 -2.73 3.38
CA ALA A 166 6.21 -3.70 4.22
C ALA A 166 7.57 -4.02 3.64
N GLN A 167 8.22 -5.02 4.23
CA GLN A 167 9.57 -5.43 3.83
C GLN A 167 9.64 -6.03 2.44
N ASN A 168 8.54 -6.63 1.99
CA ASN A 168 8.44 -7.22 0.66
C ASN A 168 7.00 -7.29 0.22
N LEU A 169 6.76 -7.69 -1.02
CA LEU A 169 5.42 -7.66 -1.61
C LEU A 169 4.48 -8.66 -0.97
N LEU A 170 4.96 -9.86 -0.64
CA LEU A 170 4.12 -10.82 0.07
C LEU A 170 3.52 -10.21 1.35
N ASN A 171 4.37 -9.57 2.17
CA ASN A 171 3.93 -8.95 3.41
C ASN A 171 3.07 -7.73 3.15
N ALA A 172 3.43 -6.90 2.16
CA ALA A 172 2.58 -5.75 1.79
C ALA A 172 1.19 -6.23 1.37
N PHE A 173 1.12 -7.29 0.56
CA PHE A 173 -0.15 -7.85 0.14
C PHE A 173 -0.95 -8.33 1.35
N ASN A 174 -0.28 -8.98 2.30
CA ASN A 174 -0.94 -9.50 3.49
CA ASN A 174 -0.99 -9.50 3.44
C ASN A 174 -1.52 -8.37 4.31
N ILE A 175 -0.78 -7.27 4.39
CA ILE A 175 -1.30 -6.08 5.10
C ILE A 175 -2.55 -5.53 4.41
N VAL A 176 -2.55 -5.42 3.09
CA VAL A 176 -3.73 -4.92 2.39
C VAL A 176 -4.91 -5.84 2.70
N GLU A 177 -4.69 -7.14 2.57
CA GLU A 177 -5.74 -8.08 2.82
C GLU A 177 -6.29 -7.99 4.23
N GLU A 178 -5.40 -7.92 5.21
N GLU A 178 -5.40 -7.92 5.21
CA GLU A 178 -5.80 -7.89 6.60
CA GLU A 178 -5.80 -7.90 6.62
C GLU A 178 -6.46 -6.57 6.97
C GLU A 178 -6.39 -6.56 7.05
N VAL A 179 -5.91 -5.47 6.50
CA VAL A 179 -6.54 -4.15 6.78
C VAL A 179 -7.92 -4.10 6.13
N GLU A 180 -8.07 -4.62 4.91
CA GLU A 180 -9.39 -4.63 4.30
C GLU A 180 -10.36 -5.50 5.14
N TYR A 181 -9.89 -6.64 5.66
CA TYR A 181 -10.72 -7.50 6.47
C TYR A 181 -11.14 -6.77 7.75
N CYS A 182 -10.18 -6.13 8.39
CA CYS A 182 -10.45 -5.41 9.64
C CYS A 182 -11.42 -4.27 9.35
N ALA A 183 -11.23 -3.57 8.24
CA ALA A 183 -12.15 -2.47 7.90
C ALA A 183 -13.55 -2.98 7.75
N LYS A 184 -13.69 -4.11 7.06
CA LYS A 184 -14.97 -4.74 6.86
C LYS A 184 -15.62 -5.14 8.18
N ILE A 185 -14.87 -5.81 9.05
CA ILE A 185 -15.41 -6.22 10.35
C ILE A 185 -15.88 -4.98 11.10
N TYR A 186 -15.06 -3.94 11.08
CA TYR A 186 -15.40 -2.72 11.85
C TYR A 186 -16.67 -2.09 11.31
N CYS A 187 -16.76 -1.95 10.00
CA CYS A 187 -17.95 -1.34 9.41
C CYS A 187 -19.20 -2.14 9.67
N LEU A 188 -19.12 -3.45 9.49
CA LEU A 188 -20.26 -4.30 9.73
C LEU A 188 -20.66 -4.27 11.20
N ALA A 189 -19.68 -4.24 12.11
CA ALA A 189 -20.01 -4.18 13.53
C ALA A 189 -20.73 -2.88 13.82
N LYS A 190 -20.31 -1.81 13.17
CA LYS A 190 -20.92 -0.47 13.43
CA LYS A 190 -20.93 -0.49 13.44
C LYS A 190 -22.41 -0.51 13.04
N ASN A 191 -22.78 -1.26 12.03
CA ASN A 191 -24.17 -1.40 11.66
C ASN A 191 -25.05 -2.01 12.75
N PHE A 192 -24.46 -2.90 13.55
CA PHE A 192 -25.22 -3.68 14.52
C PHE A 192 -25.26 -2.94 15.84
N GLY A 193 -24.11 -2.39 16.23
CA GLY A 193 -23.95 -1.79 17.58
C GLY A 193 -22.61 -1.10 17.70
N GLU A 194 -22.06 -1.10 18.91
CA GLU A 194 -20.79 -0.43 19.16
C GLU A 194 -19.68 -1.45 19.16
N PRO A 195 -18.81 -1.38 18.15
CA PRO A 195 -17.67 -2.29 18.12
C PRO A 195 -16.83 -2.12 19.38
N VAL A 196 -16.40 -3.22 19.97
CA VAL A 196 -15.49 -3.19 21.09
C VAL A 196 -14.06 -3.04 20.60
N VAL A 197 -13.37 -2.00 21.05
CA VAL A 197 -12.02 -1.72 20.61
C VAL A 197 -11.02 -2.11 21.68
N LEU A 198 -10.03 -2.91 21.26
CA LEU A 198 -9.01 -3.38 22.18
C LEU A 198 -8.17 -2.20 22.66
N PRO A 199 -7.77 -2.20 23.94
CA PRO A 199 -7.02 -1.04 24.43
C PRO A 199 -5.59 -0.99 23.89
N ASP A 200 -5.00 0.21 23.92
CA ASP A 200 -3.65 0.41 23.39
C ASP A 200 -2.63 -0.55 24.01
N GLU A 201 -2.74 -0.81 25.31
CA GLU A 201 -1.80 -1.73 26.00
C GLU A 201 -1.85 -3.12 25.36
N GLU A 202 -3.05 -3.58 25.05
CA GLU A 202 -3.22 -4.88 24.42
C GLU A 202 -2.64 -4.83 23.01
N MET A 203 -2.84 -3.71 22.31
CA MET A 203 -2.26 -3.57 20.97
C MET A 203 -0.74 -3.47 20.99
N GLU A 204 -0.18 -2.85 22.02
CA GLU A 204 1.28 -2.79 22.21
C GLU A 204 1.82 -4.21 22.37
N LEU A 205 1.09 -5.03 23.14
CA LEU A 205 1.42 -6.44 23.31
C LEU A 205 1.32 -7.17 21.99
N MET A 206 0.28 -6.87 21.22
CA MET A 206 0.07 -7.49 19.94
C MET A 206 1.24 -7.23 18.99
N ALA A 207 1.74 -5.99 19.00
CA ALA A 207 2.86 -5.60 18.16
C ALA A 207 4.07 -6.46 18.46
N GLU A 208 4.32 -6.71 19.75
CA GLU A 208 5.49 -7.48 20.17
C GLU A 208 5.36 -8.95 19.81
N LYS A 209 4.14 -9.49 19.92
CA LYS A 209 3.87 -10.87 19.53
C LYS A 209 4.02 -11.09 18.03
N PHE A 210 3.68 -10.07 17.25
CA PHE A 210 3.69 -10.15 15.78
C PHE A 210 5.10 -10.13 15.17
N LYS A 211 6.06 -9.61 15.93
CA LYS A 211 7.47 -9.54 15.51
C LYS A 211 8.10 -10.92 15.28
#